data_8QLR
#
_entry.id   8QLR
#
_cell.length_a   55.468
_cell.length_b   93.550
_cell.length_c   61.792
_cell.angle_alpha   90.00
_cell.angle_beta   92.31
_cell.angle_gamma   90.00
#
_symmetry.space_group_name_H-M   'P 1 21 1'
#
loop_
_entity.id
_entity.type
_entity.pdbx_description
1 polymer 'Serine/threonine-protein kinase 24'
2 non-polymer 8-(4-azanylbutyl)-2-[1,3-bis(oxidanyl)propan-2-ylamino]-6-[2-chloranyl-4-(6-methylpyridin-2-yl)phenyl]pyrido[2,3-d]pyrimidin-7-one
3 non-polymer 1,2-ETHANEDIOL
4 water water
#
_entity_poly.entity_id   1
_entity_poly.type   'polypeptide(L)'
_entity_poly.pdbx_seq_one_letter_code
;MRAQLWGLALNKRRATLPHPGGSTNLKADPEELFTKLEKIGKGSFGEVFKGIDNRTQKVVAIKIIDLEEAEDEIEDIQQE
ITVLSQCDSPYVTKYYGSYLKDTKLWIIMEYLGGGSALDLLEPGPLDETQIATILREILKGLDYLHSEKKIHRDIKAANV
LLSEHGEVKLADFGVAGQLTDTQIKRNTFVGTPFWMAPEVIKQSAYDSKADIWSLGITAIELARGEPPHSELHPMKVLFL
IPKNNPPTLEGNYSKPLKEFVEACLNKEPSFRPTAKELLKHKFILRNAKKTSYLTELIDAHHHHHH
;
_entity_poly.pdbx_strand_id   B,A
#
# COMPACT_ATOMS: atom_id res chain seq x y z
N THR A 24 -18.74 -2.02 -36.82
CA THR A 24 -18.89 -3.37 -36.29
C THR A 24 -19.05 -4.41 -37.41
N ASN A 25 -18.17 -5.39 -37.40
CA ASN A 25 -18.03 -6.34 -38.52
C ASN A 25 -18.94 -7.55 -38.31
N LEU A 26 -19.85 -7.76 -39.26
CA LEU A 26 -20.74 -8.92 -39.24
C LEU A 26 -20.29 -10.04 -40.17
N LYS A 27 -19.29 -9.81 -41.01
CA LYS A 27 -18.88 -10.74 -42.06
C LYS A 27 -17.75 -11.66 -41.61
N ALA A 28 -16.64 -11.09 -41.15
CA ALA A 28 -15.51 -11.90 -40.71
C ALA A 28 -15.81 -12.54 -39.35
N ASP A 29 -15.19 -13.69 -39.11
CA ASP A 29 -15.48 -14.51 -37.95
C ASP A 29 -14.40 -14.23 -36.91
N PRO A 30 -14.73 -13.62 -35.77
CA PRO A 30 -13.67 -13.26 -34.81
C PRO A 30 -12.97 -14.44 -34.17
N GLU A 31 -13.60 -15.64 -34.15
CA GLU A 31 -12.90 -16.78 -33.58
C GLU A 31 -11.79 -17.28 -34.50
N GLU A 32 -11.75 -16.80 -35.74
CA GLU A 32 -10.66 -17.01 -36.70
C GLU A 32 -9.65 -15.87 -36.68
N LEU A 33 -10.12 -14.63 -36.60
CA LEU A 33 -9.21 -13.49 -36.64
C LEU A 33 -8.44 -13.29 -35.35
N PHE A 34 -8.95 -13.80 -34.23
CA PHE A 34 -8.35 -13.61 -32.93
C PHE A 34 -8.15 -14.93 -32.22
N THR A 35 -7.03 -15.04 -31.52
CA THR A 35 -6.69 -16.17 -30.67
C THR A 35 -6.76 -15.66 -29.23
N LYS A 36 -7.73 -16.17 -28.46
CA LYS A 36 -7.76 -15.86 -27.04
C LYS A 36 -6.61 -16.56 -26.35
N LEU A 37 -5.84 -15.82 -25.55
CA LEU A 37 -4.72 -16.39 -24.82
C LEU A 37 -5.07 -16.76 -23.39
N GLU A 38 -5.67 -15.82 -22.66
CA GLU A 38 -6.04 -16.08 -21.28
C GLU A 38 -7.14 -15.14 -20.89
N LYS A 39 -7.98 -15.59 -19.97
CA LYS A 39 -9.00 -14.71 -19.41
C LYS A 39 -8.34 -13.81 -18.38
N ILE A 40 -8.38 -12.50 -18.60
CA ILE A 40 -7.75 -11.66 -17.59
C ILE A 40 -8.71 -11.35 -16.46
N GLY A 41 -10.00 -11.25 -16.77
CA GLY A 41 -11.00 -11.13 -15.72
C GLY A 41 -12.36 -10.89 -16.31
N LYS A 42 -13.33 -10.72 -15.43
CA LYS A 42 -14.63 -10.22 -15.82
C LYS A 42 -14.54 -8.70 -15.95
N GLY A 43 -15.14 -8.16 -17.01
CA GLY A 43 -15.31 -6.75 -17.17
C GLY A 43 -16.74 -6.32 -16.91
N SER A 44 -17.05 -5.10 -17.36
CA SER A 44 -18.44 -4.66 -17.39
C SER A 44 -19.14 -5.32 -18.58
N PHE A 45 -20.22 -6.06 -18.30
CA PHE A 45 -21.10 -6.75 -19.25
C PHE A 45 -20.51 -8.03 -19.84
N GLY A 46 -19.19 -8.24 -19.73
CA GLY A 46 -18.65 -9.41 -20.38
C GLY A 46 -17.28 -9.79 -19.86
N GLU A 47 -16.89 -11.01 -20.21
CA GLU A 47 -15.56 -11.49 -19.92
C GLU A 47 -14.54 -10.83 -20.84
N VAL A 48 -13.33 -10.68 -20.33
CA VAL A 48 -12.28 -10.00 -21.05
C VAL A 48 -11.06 -10.91 -21.15
N PHE A 49 -10.46 -10.95 -22.34
CA PHE A 49 -9.33 -11.83 -22.62
C PHE A 49 -8.13 -11.04 -23.11
N LYS A 50 -6.95 -11.53 -22.78
CA LYS A 50 -5.76 -11.20 -23.55
C LYS A 50 -5.75 -12.11 -24.79
N GLY A 51 -5.59 -11.52 -25.97
CA GLY A 51 -5.54 -12.30 -27.20
C GLY A 51 -4.57 -11.73 -28.21
N ILE A 52 -4.53 -12.36 -29.38
CA ILE A 52 -3.71 -11.89 -30.51
C ILE A 52 -4.59 -11.69 -31.73
N ASP A 53 -4.39 -10.57 -32.41
CA ASP A 53 -4.88 -10.41 -33.77
C ASP A 53 -4.01 -11.26 -34.68
N ASN A 54 -4.60 -12.28 -35.31
CA ASN A 54 -3.80 -13.20 -36.11
C ASN A 54 -3.29 -12.55 -37.38
N ARG A 55 -3.97 -11.51 -37.89
CA ARG A 55 -3.52 -10.85 -39.10
C ARG A 55 -2.32 -9.94 -38.84
N THR A 56 -2.46 -9.01 -37.88
CA THR A 56 -1.35 -8.10 -37.57
C THR A 56 -0.32 -8.71 -36.65
N GLN A 57 -0.65 -9.80 -35.95
CA GLN A 57 0.26 -10.44 -34.99
C GLN A 57 0.66 -9.47 -33.89
N LYS A 58 -0.34 -8.86 -33.26
CA LYS A 58 -0.15 -8.01 -32.09
C LYS A 58 -1.15 -8.38 -31.02
N VAL A 59 -0.72 -8.34 -29.77
CA VAL A 59 -1.58 -8.64 -28.64
C VAL A 59 -2.68 -7.58 -28.52
N VAL A 60 -3.88 -8.02 -28.18
CA VAL A 60 -5.04 -7.14 -27.98
C VAL A 60 -5.78 -7.58 -26.72
N ALA A 61 -6.66 -6.71 -26.24
CA ALA A 61 -7.64 -7.04 -25.22
C ALA A 61 -8.98 -7.25 -25.89
N ILE A 62 -9.70 -8.29 -25.48
CA ILE A 62 -10.93 -8.70 -26.15
C ILE A 62 -12.04 -8.82 -25.12
N LYS A 63 -13.08 -8.01 -25.27
CA LYS A 63 -14.27 -8.13 -24.42
C LYS A 63 -15.38 -8.75 -25.25
N ILE A 64 -15.98 -9.80 -24.73
CA ILE A 64 -17.07 -10.47 -25.40
C ILE A 64 -18.34 -10.30 -24.57
N ILE A 65 -19.35 -9.65 -25.17
CA ILE A 65 -20.61 -9.36 -24.51
C ILE A 65 -21.72 -10.15 -25.20
N ASP A 66 -22.52 -10.88 -24.43
CA ASP A 66 -23.69 -11.55 -24.98
C ASP A 66 -24.84 -10.54 -25.00
N LEU A 67 -25.30 -10.16 -26.19
CA LEU A 67 -26.26 -9.08 -26.31
C LEU A 67 -27.67 -9.49 -25.94
N GLU A 68 -27.92 -10.79 -25.75
CA GLU A 68 -29.20 -11.18 -25.19
C GLU A 68 -29.18 -11.14 -23.66
N GLU A 69 -28.09 -11.63 -23.06
CA GLU A 69 -27.92 -11.58 -21.62
C GLU A 69 -27.78 -10.15 -21.09
N ALA A 70 -27.32 -9.20 -21.92
CA ALA A 70 -27.04 -7.84 -21.46
C ALA A 70 -27.98 -6.80 -22.06
N GLU A 71 -29.20 -7.20 -22.43
CA GLU A 71 -30.14 -6.25 -23.00
C GLU A 71 -30.48 -5.19 -21.96
N ASP A 72 -30.64 -3.96 -22.44
CA ASP A 72 -31.00 -2.76 -21.67
C ASP A 72 -29.74 -2.07 -21.18
N GLU A 73 -28.61 -2.77 -21.23
CA GLU A 73 -27.33 -2.12 -21.14
C GLU A 73 -26.77 -1.79 -22.51
N ILE A 74 -27.48 -2.17 -23.59
CA ILE A 74 -26.92 -2.06 -24.93
C ILE A 74 -26.62 -0.61 -25.28
N GLU A 75 -27.52 0.32 -24.93
CA GLU A 75 -27.25 1.71 -25.25
C GLU A 75 -25.97 2.19 -24.55
N ASP A 76 -25.77 1.80 -23.29
CA ASP A 76 -24.52 2.16 -22.59
C ASP A 76 -23.30 1.57 -23.29
N ILE A 77 -23.40 0.32 -23.75
CA ILE A 77 -22.33 -0.30 -24.52
C ILE A 77 -22.05 0.50 -25.78
N GLN A 78 -23.10 0.82 -26.54
CA GLN A 78 -22.92 1.61 -27.74
C GLN A 78 -22.29 2.97 -27.44
N GLN A 79 -22.76 3.65 -26.39
CA GLN A 79 -22.20 4.96 -26.07
C GLN A 79 -20.72 4.87 -25.72
N GLU A 80 -20.30 3.78 -25.07
CA GLU A 80 -18.88 3.70 -24.75
C GLU A 80 -18.06 3.34 -25.98
N ILE A 81 -18.58 2.51 -26.88
CA ILE A 81 -17.89 2.26 -28.15
C ILE A 81 -17.72 3.56 -28.93
N THR A 82 -18.80 4.34 -29.05
CA THR A 82 -18.71 5.59 -29.78
C THR A 82 -17.63 6.51 -29.22
N VAL A 83 -17.55 6.67 -27.90
CA VAL A 83 -16.60 7.65 -27.38
C VAL A 83 -15.16 7.14 -27.50
N LEU A 84 -14.94 5.83 -27.28
CA LEU A 84 -13.59 5.30 -27.48
C LEU A 84 -13.17 5.40 -28.94
N SER A 85 -14.11 5.19 -29.87
CA SER A 85 -13.79 5.24 -31.29
C SER A 85 -13.40 6.64 -31.75
N GLN A 86 -13.74 7.67 -30.97
CA GLN A 86 -13.37 9.03 -31.33
C GLN A 86 -12.10 9.51 -30.63
N CYS A 87 -11.47 8.69 -29.81
CA CYS A 87 -10.24 9.08 -29.12
C CYS A 87 -9.02 8.53 -29.86
N ASP A 88 -7.99 9.37 -30.00
CA ASP A 88 -6.73 8.99 -30.64
C ASP A 88 -5.60 9.64 -29.83
N SER A 89 -5.27 9.01 -28.69
CA SER A 89 -4.26 9.57 -27.80
C SER A 89 -3.48 8.42 -27.18
N PRO A 90 -2.15 8.58 -26.99
CA PRO A 90 -1.41 7.58 -26.23
C PRO A 90 -1.85 7.46 -24.78
N TYR A 91 -2.72 8.35 -24.30
CA TYR A 91 -3.15 8.31 -22.91
C TYR A 91 -4.53 7.68 -22.74
N VAL A 92 -5.14 7.20 -23.83
CA VAL A 92 -6.44 6.56 -23.80
C VAL A 92 -6.34 5.20 -24.51
N THR A 93 -6.84 4.15 -23.87
CA THR A 93 -6.77 2.81 -24.46
C THR A 93 -7.35 2.82 -25.87
N LYS A 94 -6.55 2.35 -26.84
CA LYS A 94 -6.99 2.41 -28.22
C LYS A 94 -8.14 1.45 -28.49
N TYR A 95 -9.05 1.86 -29.33
CA TYR A 95 -10.17 1.03 -29.75
C TYR A 95 -9.88 0.52 -31.16
N TYR A 96 -9.94 -0.80 -31.34
CA TYR A 96 -9.58 -1.33 -32.64
C TYR A 96 -10.79 -1.72 -33.49
N GLY A 97 -11.95 -1.95 -32.89
CA GLY A 97 -13.10 -2.36 -33.68
C GLY A 97 -13.93 -3.38 -32.95
N SER A 98 -15.05 -3.78 -33.54
CA SER A 98 -15.94 -4.73 -32.88
C SER A 98 -16.53 -5.67 -33.91
N TYR A 99 -16.90 -6.87 -33.45
CA TYR A 99 -17.39 -7.94 -34.31
C TYR A 99 -18.59 -8.56 -33.61
N LEU A 100 -19.61 -8.87 -34.39
CA LEU A 100 -20.84 -9.45 -33.86
C LEU A 100 -20.95 -10.84 -34.47
N LYS A 101 -20.81 -11.86 -33.64
CA LYS A 101 -20.99 -13.24 -34.06
C LYS A 101 -22.16 -13.84 -33.30
N ASP A 102 -23.19 -14.28 -34.02
CA ASP A 102 -24.46 -14.67 -33.39
C ASP A 102 -24.92 -13.57 -32.46
N THR A 103 -25.11 -13.87 -31.17
CA THR A 103 -25.51 -12.85 -30.20
C THR A 103 -24.32 -12.26 -29.44
N LYS A 104 -23.10 -12.61 -29.85
CA LYS A 104 -21.90 -12.22 -29.08
C LYS A 104 -21.19 -11.06 -29.76
N LEU A 105 -21.02 -9.98 -29.03
CA LEU A 105 -20.29 -8.82 -29.50
C LEU A 105 -18.86 -8.90 -28.97
N TRP A 106 -17.89 -8.94 -29.88
CA TRP A 106 -16.47 -8.88 -29.55
C TRP A 106 -15.95 -7.45 -29.68
N ILE A 107 -15.38 -6.91 -28.61
CA ILE A 107 -14.82 -5.55 -28.61
C ILE A 107 -13.32 -5.68 -28.46
N ILE A 108 -12.57 -5.13 -29.42
CA ILE A 108 -11.13 -5.32 -29.52
C ILE A 108 -10.47 -4.00 -29.13
N MET A 109 -9.56 -4.06 -28.15
CA MET A 109 -8.90 -2.85 -27.68
C MET A 109 -7.43 -3.15 -27.45
N GLU A 110 -6.69 -2.06 -27.22
CA GLU A 110 -5.31 -2.15 -26.79
C GLU A 110 -5.20 -2.94 -25.49
N TYR A 111 -4.17 -3.79 -25.39
CA TYR A 111 -3.92 -4.56 -24.18
C TYR A 111 -2.80 -3.89 -23.39
N LEU A 112 -2.99 -3.74 -22.08
CA LEU A 112 -1.97 -3.18 -21.20
C LEU A 112 -1.55 -4.22 -20.18
N GLY A 113 -0.27 -4.59 -20.17
CA GLY A 113 0.16 -5.76 -19.43
C GLY A 113 0.60 -5.55 -18.00
N GLY A 114 0.48 -4.35 -17.46
CA GLY A 114 0.95 -4.06 -16.13
C GLY A 114 -0.09 -3.99 -15.04
N GLY A 115 -1.36 -4.19 -15.37
CA GLY A 115 -2.39 -4.13 -14.37
C GLY A 115 -3.01 -2.74 -14.29
N SER A 116 -4.04 -2.61 -13.45
CA SER A 116 -4.59 -1.29 -13.18
C SER A 116 -3.89 -0.65 -11.99
N ALA A 117 -4.11 0.66 -11.84
CA ALA A 117 -3.60 1.34 -10.66
C ALA A 117 -4.17 0.74 -9.38
N LEU A 118 -5.43 0.33 -9.40
CA LEU A 118 -6.01 -0.36 -8.24
C LEU A 118 -5.25 -1.65 -7.91
N ASP A 119 -4.87 -2.42 -8.93
CA ASP A 119 -4.06 -3.61 -8.68
C ASP A 119 -2.74 -3.25 -8.02
N LEU A 120 -2.13 -2.16 -8.46
CA LEU A 120 -0.83 -1.77 -7.94
C LEU A 120 -0.90 -1.35 -6.48
N LEU A 121 -2.09 -1.03 -5.99
CA LEU A 121 -2.28 -0.73 -4.58
C LEU A 121 -2.20 -1.97 -3.71
N GLU A 122 -2.25 -3.17 -4.32
CA GLU A 122 -2.30 -4.44 -3.60
C GLU A 122 -1.04 -4.63 -2.76
N PRO A 123 0.17 -4.81 -3.38
CA PRO A 123 1.32 -5.29 -2.59
C PRO A 123 1.90 -4.27 -1.62
N GLY A 124 1.19 -3.16 -1.39
CA GLY A 124 1.61 -2.20 -0.39
C GLY A 124 1.28 -0.76 -0.69
N PRO A 125 1.43 0.09 0.33
CA PRO A 125 1.23 1.54 0.13
C PRO A 125 2.07 2.10 -1.02
N LEU A 126 1.44 3.00 -1.79
CA LEU A 126 2.16 3.79 -2.79
C LEU A 126 2.82 5.00 -2.16
N ASP A 127 4.08 5.26 -2.51
CA ASP A 127 4.75 6.46 -2.06
C ASP A 127 4.44 7.62 -3.00
N GLU A 128 4.87 8.82 -2.60
CA GLU A 128 4.39 10.00 -3.29
C GLU A 128 4.99 10.15 -4.67
N THR A 129 6.18 9.59 -4.90
CA THR A 129 6.74 9.59 -6.24
C THR A 129 5.89 8.76 -7.19
N GLN A 130 5.49 7.57 -6.74
CA GLN A 130 4.57 6.74 -7.50
C GLN A 130 3.25 7.45 -7.77
N ILE A 131 2.67 8.04 -6.72
CA ILE A 131 1.38 8.73 -6.86
C ILE A 131 1.48 9.86 -7.89
N ALA A 132 2.53 10.70 -7.79
CA ALA A 132 2.65 11.85 -8.69
C ALA A 132 2.86 11.42 -10.14
N THR A 133 3.65 10.38 -10.35
CA THR A 133 3.88 9.87 -11.71
C THR A 133 2.58 9.39 -12.33
N ILE A 134 1.79 8.63 -11.58
CA ILE A 134 0.50 8.15 -12.10
C ILE A 134 -0.47 9.31 -12.32
N LEU A 135 -0.57 10.23 -11.35
CA LEU A 135 -1.50 11.36 -11.50
C LEU A 135 -1.15 12.21 -12.71
N ARG A 136 0.14 12.45 -12.96
CA ARG A 136 0.54 13.25 -14.11
C ARG A 136 0.04 12.64 -15.40
N GLU A 137 0.19 11.32 -15.55
CA GLU A 137 -0.25 10.67 -16.76
C GLU A 137 -1.77 10.72 -16.88
N ILE A 138 -2.47 10.52 -15.78
CA ILE A 138 -3.93 10.65 -15.83
C ILE A 138 -4.31 12.05 -16.29
N LEU A 139 -3.59 13.06 -15.80
CA LEU A 139 -3.88 14.44 -16.15
C LEU A 139 -3.63 14.70 -17.63
N LYS A 140 -2.58 14.07 -18.19
CA LYS A 140 -2.37 14.17 -19.64
C LYS A 140 -3.56 13.58 -20.41
N GLY A 141 -4.09 12.44 -19.96
CA GLY A 141 -5.29 11.89 -20.56
C GLY A 141 -6.50 12.79 -20.43
N LEU A 142 -6.71 13.36 -19.23
CA LEU A 142 -7.84 14.26 -19.03
C LEU A 142 -7.70 15.52 -19.87
N ASP A 143 -6.49 16.08 -19.93
CA ASP A 143 -6.25 17.24 -20.79
C ASP A 143 -6.59 16.93 -22.25
N TYR A 144 -6.21 15.74 -22.74
CA TYR A 144 -6.59 15.40 -24.11
C TYR A 144 -8.10 15.34 -24.26
N LEU A 145 -8.76 14.63 -23.37
CA LEU A 145 -10.21 14.46 -23.45
C LEU A 145 -10.93 15.80 -23.34
N HIS A 146 -10.61 16.57 -22.30
CA HIS A 146 -11.30 17.84 -22.12
C HIS A 146 -11.07 18.78 -23.29
N SER A 147 -9.87 18.76 -23.88
CA SER A 147 -9.63 19.63 -25.03
C SER A 147 -10.42 19.18 -26.25
N GLU A 148 -10.76 17.88 -26.32
CA GLU A 148 -11.61 17.31 -27.35
C GLU A 148 -13.08 17.35 -26.99
N LYS A 149 -13.44 18.11 -25.95
CA LYS A 149 -14.83 18.26 -25.51
C LYS A 149 -15.44 16.90 -25.13
N LYS A 150 -14.63 16.07 -24.49
CA LYS A 150 -15.10 14.81 -23.94
C LYS A 150 -14.90 14.81 -22.42
N ILE A 151 -15.69 13.98 -21.75
CA ILE A 151 -15.63 13.78 -20.31
C ILE A 151 -15.48 12.29 -20.07
N HIS A 152 -14.51 11.91 -19.22
CA HIS A 152 -14.32 10.48 -18.97
C HIS A 152 -15.49 9.88 -18.18
N ARG A 153 -15.89 10.52 -17.08
CA ARG A 153 -17.04 10.24 -16.21
C ARG A 153 -16.84 9.08 -15.23
N ASP A 154 -15.72 8.37 -15.25
CA ASP A 154 -15.50 7.31 -14.26
C ASP A 154 -14.02 7.22 -13.93
N ILE A 155 -13.41 8.35 -13.58
CA ILE A 155 -12.02 8.36 -13.17
C ILE A 155 -11.92 7.74 -11.79
N LYS A 156 -11.08 6.70 -11.66
CA LYS A 156 -10.87 5.96 -10.43
C LYS A 156 -9.72 4.99 -10.71
N ALA A 157 -9.09 4.48 -9.64
CA ALA A 157 -7.88 3.66 -9.84
C ALA A 157 -8.17 2.43 -10.68
N ALA A 158 -9.37 1.85 -10.55
CA ALA A 158 -9.71 0.64 -11.30
C ALA A 158 -9.75 0.87 -12.81
N ASN A 159 -9.94 2.11 -13.26
CA ASN A 159 -10.05 2.44 -14.68
C ASN A 159 -8.80 3.10 -15.24
N VAL A 160 -7.71 3.05 -14.51
CA VAL A 160 -6.42 3.54 -14.97
C VAL A 160 -5.54 2.31 -15.17
N LEU A 161 -5.13 2.06 -16.40
CA LEU A 161 -4.36 0.87 -16.74
C LEU A 161 -2.91 1.20 -17.09
N LEU A 162 -2.00 0.28 -16.76
CA LEU A 162 -0.58 0.49 -16.98
C LEU A 162 -0.05 -0.56 -17.93
N SER A 163 0.88 -0.15 -18.82
CA SER A 163 1.57 -1.12 -19.64
C SER A 163 2.65 -1.82 -18.84
N GLU A 164 3.21 -2.87 -19.44
CA GLU A 164 4.36 -3.54 -18.85
C GLU A 164 5.52 -2.58 -18.60
N HIS A 165 5.58 -1.46 -19.32
CA HIS A 165 6.71 -0.53 -19.24
C HIS A 165 6.38 0.73 -18.44
N GLY A 166 5.22 0.79 -17.77
CA GLY A 166 4.89 1.93 -16.95
C GLY A 166 4.02 2.99 -17.63
N GLU A 167 3.71 2.84 -18.92
CA GLU A 167 2.79 3.81 -19.52
C GLU A 167 1.41 3.67 -18.90
N VAL A 168 0.71 4.79 -18.80
CA VAL A 168 -0.51 4.90 -18.00
C VAL A 168 -1.61 5.41 -18.93
N LYS A 169 -2.73 4.69 -18.96
CA LYS A 169 -3.78 5.00 -19.93
C LYS A 169 -5.15 4.90 -19.28
N LEU A 170 -6.06 5.75 -19.75
CA LEU A 170 -7.43 5.72 -19.28
C LEU A 170 -8.22 4.65 -20.03
N ALA A 171 -9.13 4.00 -19.31
CA ALA A 171 -10.02 3.00 -19.86
C ALA A 171 -11.40 3.17 -19.24
N ASP A 172 -12.35 2.34 -19.69
CA ASP A 172 -13.67 2.20 -19.08
C ASP A 172 -14.34 3.55 -18.82
N PHE A 173 -14.68 4.24 -19.89
CA PHE A 173 -15.37 5.53 -19.77
C PHE A 173 -16.74 5.33 -19.13
N GLY A 174 -17.17 6.33 -18.37
CA GLY A 174 -18.54 6.35 -17.89
C GLY A 174 -19.48 6.76 -19.01
N VAL A 175 -20.76 6.49 -18.81
CA VAL A 175 -21.75 6.86 -19.82
C VAL A 175 -22.67 7.92 -19.21
N ALA A 176 -23.35 8.65 -20.10
CA ALA A 176 -24.25 9.72 -19.69
C ALA A 176 -25.69 9.24 -19.61
N THR A 192 -22.07 3.00 -8.08
CA THR A 192 -21.20 3.30 -6.95
C THR A 192 -20.76 4.77 -7.00
N PRO A 193 -21.09 5.53 -5.96
CA PRO A 193 -20.95 7.00 -6.00
C PRO A 193 -19.66 7.57 -5.43
N PHE A 194 -18.73 6.76 -4.93
CA PHE A 194 -17.65 7.29 -4.10
C PHE A 194 -16.77 8.30 -4.82
N TRP A 195 -16.65 8.19 -6.15
CA TRP A 195 -15.80 9.09 -6.91
C TRP A 195 -16.59 10.23 -7.58
N MET A 196 -17.90 10.30 -7.37
CA MET A 196 -18.75 11.22 -8.11
C MET A 196 -18.71 12.61 -7.51
N ALA A 197 -18.63 13.61 -8.38
CA ALA A 197 -18.71 15.01 -7.96
C ALA A 197 -20.09 15.33 -7.40
N PRO A 198 -20.18 16.30 -6.47
CA PRO A 198 -21.50 16.63 -5.90
C PRO A 198 -22.50 17.10 -6.94
N GLU A 199 -22.07 17.84 -7.96
CA GLU A 199 -23.01 18.32 -8.97
C GLU A 199 -23.46 17.19 -9.90
N VAL A 200 -22.67 16.13 -10.07
CA VAL A 200 -23.14 14.98 -10.83
C VAL A 200 -24.27 14.28 -10.08
N ILE A 201 -24.13 14.13 -8.76
CA ILE A 201 -25.19 13.56 -7.94
C ILE A 201 -26.46 14.42 -8.04
N LYS A 202 -26.32 15.74 -7.96
CA LYS A 202 -27.48 16.64 -7.95
C LYS A 202 -27.83 17.22 -9.32
N GLN A 203 -27.05 16.93 -10.36
CA GLN A 203 -27.18 17.54 -11.71
C GLN A 203 -27.47 19.03 -11.67
N TYR A 206 -23.47 18.94 -15.90
CA TYR A 206 -22.09 19.04 -15.43
C TYR A 206 -21.11 19.02 -16.62
N ASP A 207 -19.82 19.27 -16.35
CA ASP A 207 -18.83 19.27 -17.43
C ASP A 207 -17.50 18.65 -17.02
N SER A 208 -16.40 19.08 -17.68
CA SER A 208 -15.10 18.46 -17.42
C SER A 208 -14.70 18.57 -15.94
N LYS A 209 -15.25 19.55 -15.21
CA LYS A 209 -14.86 19.72 -13.82
C LYS A 209 -15.26 18.53 -12.96
N ALA A 210 -16.26 17.75 -13.39
CA ALA A 210 -16.57 16.50 -12.70
C ALA A 210 -15.38 15.54 -12.71
N ASP A 211 -14.66 15.45 -13.83
CA ASP A 211 -13.48 14.58 -13.89
C ASP A 211 -12.40 15.06 -12.93
N ILE A 212 -12.27 16.38 -12.77
CA ILE A 212 -11.28 16.93 -11.86
C ILE A 212 -11.57 16.52 -10.43
N TRP A 213 -12.85 16.59 -10.03
CA TRP A 213 -13.24 16.11 -8.71
C TRP A 213 -12.88 14.63 -8.56
N SER A 214 -13.31 13.80 -9.52
CA SER A 214 -13.00 12.37 -9.44
C SER A 214 -11.49 12.14 -9.40
N LEU A 215 -10.71 13.00 -10.06
CA LEU A 215 -9.26 12.87 -9.97
C LEU A 215 -8.78 13.11 -8.55
N GLY A 216 -9.41 14.06 -7.86
CA GLY A 216 -9.06 14.32 -6.47
C GLY A 216 -9.37 13.13 -5.58
N ILE A 217 -10.53 12.51 -5.80
CA ILE A 217 -10.87 11.31 -5.04
C ILE A 217 -9.85 10.20 -5.36
N THR A 218 -9.46 10.11 -6.63
CA THR A 218 -8.49 9.08 -7.02
C THR A 218 -7.12 9.33 -6.41
N ALA A 219 -6.76 10.60 -6.21
CA ALA A 219 -5.51 10.89 -5.51
C ALA A 219 -5.56 10.40 -4.07
N ILE A 220 -6.67 10.67 -3.38
CA ILE A 220 -6.87 10.09 -2.05
C ILE A 220 -6.79 8.56 -2.11
N GLU A 221 -7.42 7.96 -3.12
CA GLU A 221 -7.40 6.50 -3.26
C GLU A 221 -5.98 5.97 -3.41
N LEU A 222 -5.16 6.64 -4.21
CA LEU A 222 -3.78 6.19 -4.38
C LEU A 222 -2.96 6.36 -3.11
N ALA A 223 -3.31 7.36 -2.29
CA ALA A 223 -2.54 7.61 -1.07
C ALA A 223 -3.02 6.78 0.10
N ARG A 224 -4.31 6.45 0.15
CA ARG A 224 -4.90 5.75 1.28
C ARG A 224 -5.38 4.34 0.97
N GLY A 225 -5.51 3.98 -0.30
CA GLY A 225 -5.98 2.68 -0.69
C GLY A 225 -7.45 2.63 -1.05
N GLU A 226 -8.23 3.62 -0.65
CA GLU A 226 -9.66 3.59 -0.96
C GLU A 226 -10.21 5.01 -0.88
N PRO A 227 -11.33 5.27 -1.53
CA PRO A 227 -11.90 6.63 -1.52
C PRO A 227 -12.52 6.96 -0.18
N PRO A 228 -12.80 8.24 0.08
CA PRO A 228 -13.56 8.61 1.28
C PRO A 228 -14.91 7.90 1.37
N HIS A 229 -15.34 7.64 2.60
CA HIS A 229 -16.65 7.02 2.90
C HIS A 229 -16.73 5.57 2.42
N SER A 230 -15.57 4.91 2.28
CA SER A 230 -15.52 3.57 1.73
C SER A 230 -16.36 2.57 2.52
N GLU A 231 -16.54 2.80 3.81
CA GLU A 231 -17.22 1.87 4.69
C GLU A 231 -18.74 2.03 4.72
N LEU A 232 -19.28 3.07 4.07
CA LEU A 232 -20.68 3.45 4.21
C LEU A 232 -21.53 2.92 3.05
N HIS A 233 -22.81 2.75 3.31
CA HIS A 233 -23.71 2.31 2.25
C HIS A 233 -23.73 3.33 1.14
N PRO A 234 -23.70 2.91 -0.12
CA PRO A 234 -23.71 3.88 -1.23
C PRO A 234 -24.86 4.86 -1.17
N MET A 235 -26.02 4.47 -0.65
CA MET A 235 -27.11 5.43 -0.58
C MET A 235 -26.83 6.52 0.46
N LYS A 236 -26.08 6.20 1.52
CA LYS A 236 -25.65 7.24 2.46
C LYS A 236 -24.67 8.21 1.79
N VAL A 237 -23.71 7.67 1.05
CA VAL A 237 -22.72 8.50 0.37
C VAL A 237 -23.41 9.43 -0.65
N LEU A 238 -24.50 8.96 -1.26
CA LEU A 238 -25.26 9.79 -2.20
C LEU A 238 -25.69 11.12 -1.60
N PHE A 239 -26.16 11.12 -0.34
CA PHE A 239 -26.50 12.41 0.25
C PHE A 239 -25.32 13.08 0.95
N LEU A 240 -24.31 12.30 1.36
CA LEU A 240 -23.18 12.89 2.09
C LEU A 240 -22.32 13.78 1.21
N ILE A 241 -22.04 13.37 -0.03
CA ILE A 241 -21.17 14.17 -0.89
C ILE A 241 -21.73 15.58 -1.13
N PRO A 242 -23.02 15.75 -1.49
CA PRO A 242 -23.52 17.12 -1.63
C PRO A 242 -23.60 17.85 -0.31
N LYS A 243 -23.91 17.15 0.79
CA LYS A 243 -24.17 17.82 2.07
C LYS A 243 -22.89 18.31 2.73
N ASN A 244 -21.86 17.47 2.74
CA ASN A 244 -20.68 17.68 3.58
C ASN A 244 -19.66 18.59 2.91
N ASN A 245 -18.78 19.13 3.74
CA ASN A 245 -17.56 19.74 3.25
C ASN A 245 -16.82 18.75 2.37
N PRO A 246 -16.04 19.20 1.40
CA PRO A 246 -15.32 18.27 0.54
C PRO A 246 -14.29 17.48 1.33
N PRO A 247 -13.96 16.27 0.90
CA PRO A 247 -12.91 15.51 1.60
C PRO A 247 -11.57 16.21 1.50
N THR A 248 -10.72 15.96 2.50
CA THR A 248 -9.32 16.35 2.45
C THR A 248 -8.46 15.11 2.67
N LEU A 249 -7.19 15.22 2.28
CA LEU A 249 -6.24 14.13 2.47
C LEU A 249 -5.66 14.23 3.87
N GLU A 250 -5.99 13.26 4.72
CA GLU A 250 -5.55 13.27 6.10
C GLU A 250 -4.43 12.25 6.29
N GLY A 251 -3.43 12.62 7.08
CA GLY A 251 -2.32 11.74 7.32
C GLY A 251 -1.00 12.42 7.09
N ASN A 252 0.07 11.64 7.11
CA ASN A 252 1.42 12.20 7.01
C ASN A 252 1.86 12.20 5.55
N TYR A 253 1.26 13.11 4.78
CA TYR A 253 1.61 13.35 3.40
C TYR A 253 2.20 14.75 3.26
N SER A 254 2.98 14.96 2.20
CA SER A 254 3.62 16.26 2.02
C SER A 254 2.54 17.33 1.80
N LYS A 255 2.89 18.57 2.15
CA LYS A 255 1.93 19.65 1.99
C LYS A 255 1.49 19.82 0.53
N PRO A 256 2.38 19.79 -0.46
CA PRO A 256 1.89 19.83 -1.86
C PRO A 256 0.88 18.75 -2.23
N LEU A 257 1.05 17.51 -1.77
CA LEU A 257 0.04 16.49 -2.12
C LEU A 257 -1.31 16.85 -1.51
N LYS A 258 -1.31 17.32 -0.26
CA LYS A 258 -2.56 17.74 0.36
C LYS A 258 -3.18 18.91 -0.40
N GLU A 259 -2.34 19.86 -0.86
CA GLU A 259 -2.85 21.00 -1.63
C GLU A 259 -3.40 20.57 -3.00
N PHE A 260 -2.78 19.59 -3.64
CA PHE A 260 -3.29 19.05 -4.90
C PHE A 260 -4.69 18.49 -4.70
N VAL A 261 -4.89 17.72 -3.63
CA VAL A 261 -6.22 17.12 -3.38
C VAL A 261 -7.25 18.22 -3.12
N GLU A 262 -6.88 19.20 -2.31
CA GLU A 262 -7.79 20.31 -2.01
C GLU A 262 -8.17 21.08 -3.26
N ALA A 263 -7.22 21.28 -4.18
CA ALA A 263 -7.53 22.01 -5.40
C ALA A 263 -8.56 21.27 -6.25
N CYS A 264 -8.45 19.94 -6.30
CA CYS A 264 -9.41 19.15 -7.05
C CYS A 264 -10.77 19.13 -6.38
N LEU A 265 -10.80 19.03 -5.05
CA LEU A 265 -12.02 18.76 -4.30
C LEU A 265 -12.61 20.06 -3.76
N ASN A 266 -13.06 20.89 -4.69
CA ASN A 266 -13.79 22.10 -4.39
C ASN A 266 -15.26 21.82 -4.68
N LYS A 267 -16.15 22.12 -3.73
CA LYS A 267 -17.56 21.85 -3.95
C LYS A 267 -18.09 22.62 -5.14
N GLU A 268 -17.46 23.75 -5.48
CA GLU A 268 -17.87 24.56 -6.63
C GLU A 268 -17.10 24.10 -7.85
N PRO A 269 -17.76 23.53 -8.86
CA PRO A 269 -17.03 22.98 -10.02
C PRO A 269 -16.21 24.01 -10.77
N SER A 270 -16.70 25.24 -10.87
CA SER A 270 -15.99 26.26 -11.63
C SER A 270 -14.71 26.72 -10.92
N PHE A 271 -14.54 26.40 -9.64
CA PHE A 271 -13.32 26.72 -8.93
C PHE A 271 -12.26 25.61 -8.98
N ARG A 272 -12.55 24.45 -9.67
CA ARG A 272 -11.54 23.42 -9.85
C ARG A 272 -10.67 23.76 -11.06
N PRO A 273 -9.35 23.57 -10.98
CA PRO A 273 -8.49 23.93 -12.10
C PRO A 273 -8.61 22.95 -13.26
N THR A 274 -8.17 23.38 -14.44
CA THR A 274 -8.10 22.43 -15.54
C THR A 274 -7.03 21.38 -15.29
N ALA A 275 -7.12 20.28 -16.06
CA ALA A 275 -6.03 19.31 -16.07
C ALA A 275 -4.72 19.95 -16.49
N LYS A 276 -4.78 20.87 -17.45
CA LYS A 276 -3.58 21.56 -17.89
C LYS A 276 -2.91 22.34 -16.75
N GLU A 277 -3.72 23.02 -15.92
CA GLU A 277 -3.19 23.75 -14.76
C GLU A 277 -2.54 22.79 -13.78
N LEU A 278 -3.22 21.68 -13.48
CA LEU A 278 -2.74 20.73 -12.47
C LEU A 278 -1.44 20.06 -12.90
N LEU A 279 -1.17 19.96 -14.19
CA LEU A 279 0.13 19.47 -14.63
C LEU A 279 1.29 20.35 -14.14
N LYS A 280 1.02 21.59 -13.76
CA LYS A 280 2.05 22.47 -13.22
C LYS A 280 2.01 22.57 -11.71
N HIS A 281 1.17 21.77 -11.06
CA HIS A 281 1.09 21.85 -9.60
C HIS A 281 2.42 21.49 -8.97
N LYS A 282 2.77 22.15 -7.88
CA LYS A 282 4.03 21.88 -7.18
C LYS A 282 4.19 20.39 -6.89
N PHE A 283 3.10 19.73 -6.48
CA PHE A 283 3.19 18.31 -6.18
C PHE A 283 3.67 17.51 -7.39
N ILE A 284 3.08 17.78 -8.56
CA ILE A 284 3.47 17.07 -9.77
C ILE A 284 4.91 17.41 -10.14
N LEU A 285 5.25 18.70 -10.11
CA LEU A 285 6.59 19.11 -10.56
C LEU A 285 7.68 18.55 -9.66
N ARG A 286 7.44 18.49 -8.34
CA ARG A 286 8.49 18.08 -7.43
C ARG A 286 8.64 16.57 -7.27
N ASN A 287 7.61 15.79 -7.64
CA ASN A 287 7.61 14.36 -7.34
C ASN A 287 7.48 13.45 -8.55
N ALA A 288 6.90 13.90 -9.66
CA ALA A 288 6.67 13.00 -10.79
C ALA A 288 7.99 12.64 -11.47
N LYS A 289 8.09 11.40 -11.94
CA LYS A 289 9.30 10.91 -12.60
C LYS A 289 8.91 10.26 -13.92
N LYS A 290 9.91 9.79 -14.66
CA LYS A 290 9.64 9.09 -15.91
C LYS A 290 8.77 7.87 -15.65
N THR A 291 7.85 7.58 -16.59
CA THR A 291 6.91 6.47 -16.40
C THR A 291 7.61 5.13 -16.23
N SER A 292 8.79 4.95 -16.87
CA SER A 292 9.56 3.71 -16.74
C SER A 292 9.87 3.37 -15.28
N TYR A 293 9.92 4.38 -14.41
CA TYR A 293 10.14 4.17 -12.98
C TYR A 293 9.09 3.24 -12.37
N LEU A 294 7.86 3.25 -12.88
CA LEU A 294 6.82 2.38 -12.34
C LEU A 294 7.06 0.90 -12.60
N THR A 295 8.00 0.54 -13.48
CA THR A 295 8.16 -0.87 -13.83
C THR A 295 8.48 -1.73 -12.61
N GLU A 296 9.14 -1.17 -11.60
CA GLU A 296 9.44 -1.96 -10.41
C GLU A 296 8.16 -2.22 -9.61
N LEU A 297 7.31 -1.21 -9.48
CA LEU A 297 6.02 -1.42 -8.81
C LEU A 297 5.20 -2.46 -9.55
N ILE A 298 5.23 -2.42 -10.89
CA ILE A 298 4.49 -3.39 -11.70
C ILE A 298 5.10 -4.78 -11.55
N ASP A 299 6.43 -4.87 -11.49
CA ASP A 299 7.05 -6.19 -11.34
C ASP A 299 6.75 -6.79 -9.98
N ALA A 300 6.74 -5.96 -8.93
CA ALA A 300 6.39 -6.43 -7.60
C ALA A 300 4.98 -7.01 -7.55
N HIS A 301 4.08 -6.48 -8.38
CA HIS A 301 2.72 -7.00 -8.48
C HIS A 301 2.68 -8.38 -9.12
N HIS A 302 3.66 -8.73 -9.94
CA HIS A 302 3.74 -10.05 -10.54
C HIS A 302 4.62 -10.98 -9.72
N THR B 24 25.80 8.72 5.32
CA THR B 24 25.79 9.84 6.28
C THR B 24 26.32 11.13 5.67
N ASN B 25 25.51 12.19 5.76
CA ASN B 25 25.84 13.48 5.19
C ASN B 25 26.54 14.34 6.24
N LEU B 26 27.73 14.85 5.91
CA LEU B 26 28.51 15.63 6.86
C LEU B 26 28.50 17.14 6.60
N LYS B 27 27.96 17.59 5.46
CA LYS B 27 27.97 19.00 5.09
C LYS B 27 26.69 19.75 5.43
N ALA B 28 25.55 19.09 5.28
CA ALA B 28 24.27 19.76 5.50
C ALA B 28 24.01 19.87 6.98
N ASP B 29 23.49 21.02 7.39
CA ASP B 29 23.09 21.27 8.77
C ASP B 29 21.71 20.67 9.00
N PRO B 30 21.60 19.59 9.78
CA PRO B 30 20.28 18.99 10.02
C PRO B 30 19.35 19.89 10.81
N GLU B 31 19.90 20.78 11.64
CA GLU B 31 19.06 21.74 12.36
C GLU B 31 18.42 22.74 11.41
N GLU B 32 18.94 22.88 10.19
CA GLU B 32 18.31 23.74 9.19
C GLU B 32 17.36 22.99 8.30
N LEU B 33 17.62 21.70 8.05
CA LEU B 33 16.72 20.91 7.22
C LEU B 33 15.50 20.43 8.00
N PHE B 34 15.62 20.30 9.32
CA PHE B 34 14.58 19.67 10.11
C PHE B 34 14.25 20.52 11.32
N THR B 35 12.98 20.45 11.72
CA THR B 35 12.49 21.10 12.92
C THR B 35 12.22 20.01 13.95
N LYS B 36 12.93 20.09 15.07
CA LYS B 36 12.73 19.16 16.17
C LYS B 36 11.51 19.58 16.97
N LEU B 37 10.59 18.65 17.18
CA LEU B 37 9.40 18.89 17.98
C LEU B 37 9.48 18.04 19.25
N GLU B 38 8.47 17.24 19.59
CA GLU B 38 8.39 16.59 20.90
C GLU B 38 9.31 15.38 20.99
N LYS B 39 9.91 15.20 22.16
CA LYS B 39 10.64 13.97 22.42
C LYS B 39 9.66 12.81 22.47
N ILE B 40 9.98 11.72 21.76
CA ILE B 40 9.12 10.55 21.75
C ILE B 40 9.48 9.65 22.92
N GLY B 41 10.74 9.20 22.96
CA GLY B 41 11.17 8.38 24.08
C GLY B 41 12.67 8.25 24.10
N LYS B 42 13.15 7.48 25.08
CA LYS B 42 14.56 7.12 25.18
C LYS B 42 14.76 5.88 24.33
N GLY B 43 15.16 6.09 23.07
CA GLY B 43 15.41 5.01 22.15
C GLY B 43 16.72 4.31 22.43
N SER B 44 17.08 3.41 21.51
CA SER B 44 18.37 2.73 21.61
C SER B 44 19.48 3.70 21.22
N PHE B 45 20.44 3.89 22.14
CA PHE B 45 21.65 4.70 21.99
C PHE B 45 21.41 6.21 22.02
N GLY B 46 20.17 6.65 21.91
CA GLY B 46 19.92 8.08 21.91
C GLY B 46 18.52 8.46 22.36
N GLU B 47 18.14 9.69 22.02
CA GLU B 47 16.77 10.15 22.18
C GLU B 47 16.12 10.25 20.80
N VAL B 48 14.81 10.05 20.75
CA VAL B 48 14.06 10.11 19.51
C VAL B 48 13.03 11.23 19.60
N PHE B 49 12.90 11.98 18.52
CA PHE B 49 12.03 13.15 18.47
C PHE B 49 11.11 13.05 17.27
N LYS B 50 9.87 13.52 17.45
CA LYS B 50 9.04 13.86 16.32
C LYS B 50 9.61 15.12 15.67
N GLY B 51 9.77 15.10 14.35
CA GLY B 51 10.29 16.25 13.64
C GLY B 51 9.52 16.50 12.36
N ILE B 52 9.87 17.62 11.73
CA ILE B 52 9.28 18.03 10.45
C ILE B 52 10.41 18.18 9.43
N ASP B 53 10.22 17.61 8.25
CA ASP B 53 11.06 17.94 7.11
C ASP B 53 10.65 19.31 6.61
N ASN B 54 11.55 20.29 6.75
CA ASN B 54 11.20 21.67 6.43
C ASN B 54 10.88 21.83 4.95
N ARG B 55 11.50 21.04 4.08
CA ARG B 55 11.27 21.18 2.65
C ARG B 55 9.93 20.57 2.21
N THR B 56 9.46 19.52 2.90
CA THR B 56 8.26 18.80 2.48
C THR B 56 7.09 18.90 3.46
N GLN B 57 7.34 19.31 4.70
CA GLN B 57 6.38 19.37 5.80
C GLN B 57 5.90 18.00 6.24
N LYS B 58 6.51 16.92 5.74
CA LYS B 58 6.22 15.61 6.29
C LYS B 58 6.83 15.49 7.68
N VAL B 59 6.12 14.79 8.54
CA VAL B 59 6.61 14.46 9.88
C VAL B 59 7.60 13.32 9.78
N VAL B 60 8.73 13.45 10.50
CA VAL B 60 9.75 12.42 10.51
C VAL B 60 10.06 12.06 11.95
N ALA B 61 10.70 10.91 12.13
CA ALA B 61 11.24 10.49 13.42
C ALA B 61 12.75 10.77 13.41
N ILE B 62 13.25 11.42 14.45
CA ILE B 62 14.65 11.87 14.49
C ILE B 62 15.32 11.28 15.72
N LYS B 63 16.29 10.40 15.50
CA LYS B 63 17.11 9.87 16.57
C LYS B 63 18.42 10.64 16.59
N ILE B 64 18.78 11.14 17.77
CA ILE B 64 20.01 11.90 17.95
C ILE B 64 20.89 11.14 18.91
N ILE B 65 22.11 10.83 18.47
CA ILE B 65 23.07 10.06 19.24
C ILE B 65 24.31 10.91 19.42
N ASP B 66 24.74 11.05 20.67
CA ASP B 66 25.98 11.76 20.98
C ASP B 66 27.13 10.78 20.78
N LEU B 67 27.92 11.00 19.73
CA LEU B 67 29.00 10.09 19.43
C LEU B 67 30.20 10.27 20.35
N GLU B 68 30.34 11.42 21.01
CA GLU B 68 31.39 11.54 22.02
C GLU B 68 31.08 10.69 23.25
N GLU B 69 29.83 10.23 23.39
CA GLU B 69 29.37 9.48 24.55
C GLU B 69 29.20 7.99 24.32
N ALA B 70 28.83 7.56 23.11
CA ALA B 70 28.59 6.15 22.85
C ALA B 70 29.67 5.53 21.97
N GLU B 71 30.90 5.49 22.48
CA GLU B 71 32.05 5.09 21.66
C GLU B 71 31.93 3.63 21.21
N ASP B 72 31.77 2.70 22.16
CA ASP B 72 31.82 1.28 21.83
C ASP B 72 30.67 0.85 20.92
N GLU B 73 29.50 1.46 21.08
CA GLU B 73 28.32 1.04 20.36
C GLU B 73 28.27 1.52 18.91
N ILE B 74 29.32 2.21 18.44
CA ILE B 74 29.25 2.87 17.13
C ILE B 74 29.10 1.85 16.01
N GLU B 75 29.83 0.73 16.11
CA GLU B 75 29.75 -0.28 15.06
C GLU B 75 28.32 -0.80 14.91
N ASP B 76 27.66 -1.08 16.04
CA ASP B 76 26.27 -1.53 15.99
C ASP B 76 25.38 -0.51 15.30
N ILE B 77 25.61 0.77 15.57
CA ILE B 77 24.81 1.84 14.95
C ILE B 77 25.00 1.83 13.44
N GLN B 78 26.25 1.76 12.99
CA GLN B 78 26.54 1.70 11.56
C GLN B 78 25.86 0.51 10.89
N GLN B 79 25.87 -0.66 11.54
CA GLN B 79 25.28 -1.84 10.92
C GLN B 79 23.77 -1.70 10.78
N GLU B 80 23.10 -1.12 11.77
CA GLU B 80 21.65 -0.95 11.60
C GLU B 80 21.34 0.09 10.53
N ILE B 81 22.16 1.13 10.43
CA ILE B 81 21.99 2.09 9.33
C ILE B 81 22.15 1.38 7.98
N THR B 82 23.18 0.54 7.86
CA THR B 82 23.42 -0.16 6.60
C THR B 82 22.23 -1.04 6.23
N VAL B 83 21.74 -1.84 7.18
CA VAL B 83 20.62 -2.72 6.87
C VAL B 83 19.37 -1.90 6.54
N LEU B 84 19.10 -0.84 7.30
CA LEU B 84 17.92 -0.04 7.01
C LEU B 84 18.03 0.62 5.65
N SER B 85 19.23 1.09 5.28
CA SER B 85 19.41 1.75 4.00
C SER B 85 19.26 0.80 2.82
N GLN B 86 19.45 -0.50 3.04
CA GLN B 86 19.29 -1.51 2.00
C GLN B 86 17.85 -2.01 1.89
N CYS B 87 16.96 -1.61 2.79
CA CYS B 87 15.56 -2.00 2.72
C CYS B 87 14.74 -0.95 1.99
N ASP B 88 13.78 -1.44 1.18
CA ASP B 88 12.83 -0.57 0.49
C ASP B 88 11.52 -1.34 0.38
N SER B 89 10.73 -1.29 1.47
CA SER B 89 9.48 -2.04 1.58
C SER B 89 8.46 -1.21 2.34
N PRO B 90 7.18 -1.27 1.95
CA PRO B 90 6.14 -0.61 2.76
C PRO B 90 5.98 -1.20 4.16
N TYR B 91 6.65 -2.32 4.49
CA TYR B 91 6.52 -2.95 5.80
C TYR B 91 7.75 -2.74 6.67
N VAL B 92 8.71 -1.97 6.21
CA VAL B 92 9.89 -1.65 6.99
C VAL B 92 9.98 -0.13 7.06
N THR B 93 10.07 0.40 8.27
CA THR B 93 10.20 1.84 8.43
C THR B 93 11.33 2.38 7.57
N LYS B 94 10.99 3.36 6.73
CA LYS B 94 11.95 3.89 5.76
C LYS B 94 13.04 4.70 6.44
N TYR B 95 14.25 4.56 5.95
CA TYR B 95 15.40 5.32 6.42
C TYR B 95 15.64 6.46 5.44
N TYR B 96 15.61 7.71 5.91
CA TYR B 96 15.76 8.82 4.98
C TYR B 96 17.20 9.30 4.86
N GLY B 97 18.00 9.14 5.90
CA GLY B 97 19.39 9.52 5.83
C GLY B 97 19.90 9.85 7.21
N SER B 98 21.15 10.28 7.25
CA SER B 98 21.76 10.64 8.52
C SER B 98 22.73 11.79 8.30
N TYR B 99 22.93 12.55 9.37
CA TYR B 99 23.72 13.78 9.34
C TYR B 99 24.61 13.81 10.57
N LEU B 100 25.81 14.36 10.43
CA LEU B 100 26.73 14.53 11.55
C LEU B 100 26.89 16.02 11.81
N LYS B 101 26.49 16.45 13.01
CA LYS B 101 26.57 17.84 13.44
C LYS B 101 27.38 17.89 14.74
N ASP B 102 28.57 18.48 14.69
CA ASP B 102 29.49 18.42 15.82
C ASP B 102 29.67 16.96 16.23
N THR B 103 29.40 16.64 17.50
CA THR B 103 29.49 15.27 17.98
C THR B 103 28.17 14.50 17.87
N LYS B 104 27.17 15.05 17.20
CA LYS B 104 25.82 14.48 17.24
C LYS B 104 25.46 13.90 15.88
N LEU B 105 25.09 12.61 15.89
CA LEU B 105 24.59 11.92 14.71
C LEU B 105 23.06 11.98 14.72
N TRP B 106 22.50 12.61 13.70
CA TRP B 106 21.06 12.67 13.49
C TRP B 106 20.66 11.60 12.49
N ILE B 107 19.73 10.72 12.88
CA ILE B 107 19.21 9.67 12.00
C ILE B 107 17.75 10.01 11.74
N ILE B 108 17.39 10.10 10.47
CA ILE B 108 16.05 10.52 10.06
C ILE B 108 15.32 9.30 9.53
N MET B 109 14.17 8.99 10.15
CA MET B 109 13.38 7.83 9.77
C MET B 109 11.95 8.24 9.52
N GLU B 110 11.21 7.34 8.88
CA GLU B 110 9.77 7.49 8.77
C GLU B 110 9.11 7.54 10.15
N TYR B 111 8.19 8.48 10.34
CA TYR B 111 7.42 8.59 11.58
C TYR B 111 6.10 7.84 11.44
N LEU B 112 5.76 7.03 12.44
CA LEU B 112 4.49 6.30 12.46
C LEU B 112 3.68 6.77 13.66
N GLY B 113 2.54 7.40 13.40
CA GLY B 113 1.83 8.10 14.45
C GLY B 113 0.87 7.29 15.26
N GLY B 114 0.78 5.98 15.03
CA GLY B 114 -0.18 5.17 15.76
C GLY B 114 0.36 4.43 16.96
N GLY B 115 1.63 4.62 17.32
CA GLY B 115 2.21 3.90 18.43
C GLY B 115 2.75 2.55 18.00
N SER B 116 3.23 1.79 18.98
CA SER B 116 3.69 0.43 18.72
C SER B 116 2.60 -0.57 19.06
N ALA B 117 2.81 -1.82 18.61
CA ALA B 117 1.86 -2.86 18.97
C ALA B 117 1.85 -3.09 20.47
N LEU B 118 3.00 -2.88 21.13
CA LEU B 118 3.04 -3.00 22.58
C LEU B 118 2.15 -1.97 23.26
N ASP B 119 2.18 -0.72 22.78
CA ASP B 119 1.27 0.31 23.30
C ASP B 119 -0.18 -0.12 23.20
N LEU B 120 -0.54 -0.83 22.13
CA LEU B 120 -1.94 -1.24 21.94
C LEU B 120 -2.39 -2.32 22.93
N LEU B 121 -1.47 -2.94 23.66
CA LEU B 121 -1.80 -3.98 24.63
C LEU B 121 -2.12 -3.44 26.03
N GLU B 122 -1.85 -2.16 26.31
CA GLU B 122 -1.85 -1.67 27.68
C GLU B 122 -3.21 -1.81 28.35
N PRO B 123 -4.33 -1.46 27.74
CA PRO B 123 -5.63 -1.82 28.31
C PRO B 123 -6.14 -3.15 27.76
N GLY B 124 -6.15 -4.15 28.63
CA GLY B 124 -6.79 -5.41 28.35
C GLY B 124 -6.32 -6.12 27.09
N PRO B 125 -7.25 -6.85 26.44
CA PRO B 125 -6.83 -7.83 25.42
C PRO B 125 -7.06 -7.38 23.98
N LEU B 126 -6.22 -7.85 23.07
CA LEU B 126 -6.60 -7.81 21.66
C LEU B 126 -7.56 -8.95 21.37
N ASP B 127 -8.49 -8.73 20.45
CA ASP B 127 -9.27 -9.86 19.98
C ASP B 127 -8.53 -10.58 18.85
N GLU B 128 -9.05 -11.73 18.43
CA GLU B 128 -8.27 -12.51 17.48
C GLU B 128 -8.22 -11.85 16.11
N THR B 129 -9.24 -11.06 15.77
CA THR B 129 -9.19 -10.30 14.53
C THR B 129 -8.04 -9.29 14.56
N GLN B 130 -7.90 -8.56 15.66
CA GLN B 130 -6.78 -7.63 15.81
C GLN B 130 -5.44 -8.38 15.72
N ILE B 131 -5.32 -9.49 16.45
CA ILE B 131 -4.06 -10.26 16.43
C ILE B 131 -3.72 -10.73 15.01
N ALA B 132 -4.70 -11.32 14.31
CA ALA B 132 -4.45 -11.84 12.97
C ALA B 132 -4.08 -10.74 11.99
N THR B 133 -4.75 -9.59 12.07
CA THR B 133 -4.41 -8.47 11.20
C THR B 133 -2.97 -8.01 11.44
N ILE B 134 -2.60 -7.84 12.71
CA ILE B 134 -1.25 -7.37 13.01
C ILE B 134 -0.22 -8.39 12.56
N LEU B 135 -0.46 -9.67 12.88
CA LEU B 135 0.49 -10.73 12.50
C LEU B 135 0.64 -10.82 10.99
N ARG B 136 -0.45 -10.62 10.25
CA ARG B 136 -0.38 -10.74 8.80
C ARG B 136 0.57 -9.71 8.22
N GLU B 137 0.50 -8.47 8.73
CA GLU B 137 1.39 -7.42 8.22
C GLU B 137 2.83 -7.67 8.66
N ILE B 138 3.05 -8.12 9.90
CA ILE B 138 4.41 -8.49 10.31
C ILE B 138 4.96 -9.57 9.38
N LEU B 139 4.13 -10.56 9.05
CA LEU B 139 4.55 -11.62 8.13
C LEU B 139 4.93 -11.07 6.77
N LYS B 140 4.21 -10.06 6.28
CA LYS B 140 4.61 -9.48 5.00
C LYS B 140 5.99 -8.81 5.11
N GLY B 141 6.26 -8.12 6.21
CA GLY B 141 7.60 -7.56 6.42
C GLY B 141 8.67 -8.62 6.49
N LEU B 142 8.41 -9.71 7.23
CA LEU B 142 9.39 -10.79 7.33
C LEU B 142 9.59 -11.48 5.98
N ASP B 143 8.52 -11.65 5.19
CA ASP B 143 8.67 -12.26 3.88
C ASP B 143 9.57 -11.40 2.99
N TYR B 144 9.35 -10.09 3.01
CA TYR B 144 10.27 -9.19 2.30
C TYR B 144 11.70 -9.41 2.77
N LEU B 145 11.93 -9.33 4.08
CA LEU B 145 13.29 -9.40 4.60
C LEU B 145 13.95 -10.72 4.26
N HIS B 146 13.23 -11.83 4.45
CA HIS B 146 13.83 -13.13 4.21
C HIS B 146 14.09 -13.34 2.73
N SER B 147 13.21 -12.84 1.86
CA SER B 147 13.48 -12.98 0.43
C SER B 147 14.70 -12.18 0.01
N GLU B 148 15.09 -11.19 0.81
CA GLU B 148 16.26 -10.37 0.57
C GLU B 148 17.48 -10.85 1.34
N LYS B 149 17.40 -12.03 1.95
CA LYS B 149 18.50 -12.62 2.72
C LYS B 149 18.85 -11.78 3.95
N LYS B 150 17.85 -11.11 4.53
CA LYS B 150 18.03 -10.37 5.76
C LYS B 150 17.24 -11.04 6.88
N ILE B 151 17.68 -10.79 8.11
CA ILE B 151 17.03 -11.29 9.31
C ILE B 151 16.76 -10.08 10.22
N HIS B 152 15.51 -9.92 10.66
CA HIS B 152 15.22 -8.76 11.50
C HIS B 152 15.97 -8.82 12.82
N ARG B 153 15.88 -9.96 13.52
CA ARG B 153 16.61 -10.34 14.74
C ARG B 153 16.01 -9.81 16.03
N ASP B 154 14.99 -8.95 16.00
CA ASP B 154 14.37 -8.50 17.23
C ASP B 154 12.88 -8.29 17.03
N ILE B 155 12.20 -9.30 16.49
CA ILE B 155 10.74 -9.23 16.34
C ILE B 155 10.11 -9.36 17.73
N LYS B 156 9.28 -8.37 18.08
CA LYS B 156 8.56 -8.26 19.34
C LYS B 156 7.62 -7.08 19.20
N ALA B 157 6.55 -7.06 20.02
CA ALA B 157 5.52 -6.03 19.86
C ALA B 157 6.08 -4.63 20.00
N ALA B 158 7.12 -4.45 20.82
CA ALA B 158 7.67 -3.11 21.00
C ALA B 158 8.35 -2.58 19.73
N ASN B 159 8.69 -3.45 18.77
CA ASN B 159 9.35 -3.04 17.54
C ASN B 159 8.45 -3.13 16.33
N VAL B 160 7.15 -3.21 16.53
CA VAL B 160 6.16 -3.20 15.47
C VAL B 160 5.41 -1.89 15.60
N LEU B 161 5.52 -1.03 14.60
CA LEU B 161 4.99 0.33 14.69
C LEU B 161 3.79 0.47 13.76
N LEU B 162 2.81 1.24 14.20
CA LEU B 162 1.59 1.45 13.43
C LEU B 162 1.47 2.91 13.04
N SER B 163 1.02 3.16 11.81
CA SER B 163 0.63 4.49 11.40
C SER B 163 -0.71 4.84 12.03
N GLU B 164 -1.09 6.11 11.93
CA GLU B 164 -2.38 6.53 12.46
C GLU B 164 -3.54 5.87 11.72
N HIS B 165 -3.32 5.33 10.54
CA HIS B 165 -4.39 4.67 9.79
C HIS B 165 -4.26 3.15 9.75
N GLY B 166 -3.43 2.56 10.61
CA GLY B 166 -3.40 1.12 10.76
C GLY B 166 -2.32 0.38 9.98
N GLU B 167 -1.54 1.06 9.15
CA GLU B 167 -0.43 0.39 8.49
C GLU B 167 0.59 -0.09 9.52
N VAL B 168 1.18 -1.26 9.27
CA VAL B 168 2.03 -1.93 10.24
C VAL B 168 3.42 -2.03 9.65
N LYS B 169 4.43 -1.61 10.42
CA LYS B 169 5.78 -1.61 9.89
C LYS B 169 6.76 -2.11 10.93
N LEU B 170 7.80 -2.78 10.46
CA LEU B 170 8.87 -3.25 11.33
C LEU B 170 9.91 -2.16 11.57
N ALA B 171 10.42 -2.12 12.79
CA ALA B 171 11.42 -1.15 13.19
C ALA B 171 12.45 -1.85 14.04
N ASP B 172 13.55 -1.15 14.34
CA ASP B 172 14.52 -1.53 15.37
C ASP B 172 15.06 -2.96 15.16
N PHE B 173 15.80 -3.11 14.07
CA PHE B 173 16.45 -4.38 13.77
C PHE B 173 17.43 -4.74 14.89
N GLY B 174 17.54 -6.05 15.16
CA GLY B 174 18.46 -6.49 16.19
C GLY B 174 19.90 -6.48 15.70
N VAL B 175 20.83 -6.53 16.67
CA VAL B 175 22.26 -6.52 16.37
C VAL B 175 22.72 -7.92 15.98
N ALA B 176 23.51 -8.00 14.92
CA ALA B 176 24.09 -9.25 14.47
C ALA B 176 25.40 -9.52 15.20
N THR B 192 17.81 -8.93 26.44
CA THR B 192 16.64 -9.61 27.00
C THR B 192 16.29 -10.82 26.12
N PRO B 193 16.13 -11.99 26.75
CA PRO B 193 16.06 -13.25 25.99
C PRO B 193 14.66 -13.73 25.64
N PHE B 194 13.59 -13.05 26.07
CA PHE B 194 12.26 -13.67 26.06
C PHE B 194 11.77 -14.01 24.66
N TRP B 195 12.18 -13.26 23.65
CA TRP B 195 11.74 -13.51 22.28
C TRP B 195 12.75 -14.28 21.45
N MET B 196 13.90 -14.65 22.03
CA MET B 196 14.98 -15.26 21.27
C MET B 196 14.75 -16.75 21.04
N ALA B 197 15.03 -17.18 19.81
CA ALA B 197 14.94 -18.60 19.49
C ALA B 197 16.01 -19.42 20.21
N PRO B 198 15.74 -20.70 20.49
CA PRO B 198 16.71 -21.51 21.24
C PRO B 198 18.07 -21.59 20.56
N GLU B 199 18.11 -21.70 19.23
CA GLU B 199 19.41 -21.78 18.55
C GLU B 199 20.16 -20.46 18.61
N VAL B 200 19.43 -19.34 18.76
CA VAL B 200 20.08 -18.06 18.98
C VAL B 200 20.70 -18.01 20.36
N ILE B 201 19.92 -18.40 21.38
CA ILE B 201 20.41 -18.37 22.75
C ILE B 201 21.66 -19.23 22.92
N LYS B 202 21.66 -20.43 22.31
CA LYS B 202 22.79 -21.33 22.35
C LYS B 202 23.93 -20.87 21.48
N GLN B 203 23.81 -19.67 20.89
CA GLN B 203 24.87 -19.05 20.09
C GLN B 203 25.34 -19.96 18.97
N SER B 204 24.41 -20.72 18.41
CA SER B 204 24.66 -21.47 17.19
C SER B 204 24.45 -20.56 15.98
N ALA B 205 24.74 -21.09 14.80
CA ALA B 205 24.34 -20.42 13.57
C ALA B 205 22.82 -20.36 13.52
N TYR B 206 22.30 -19.31 12.89
CA TYR B 206 20.87 -19.23 12.71
C TYR B 206 20.58 -18.49 11.41
N ASP B 207 19.31 -18.52 11.01
CA ASP B 207 18.88 -17.90 9.75
C ASP B 207 17.51 -17.28 9.98
N SER B 208 16.75 -17.13 8.88
CA SER B 208 15.42 -16.52 8.96
C SER B 208 14.49 -17.25 9.93
N LYS B 209 14.74 -18.54 10.19
CA LYS B 209 13.85 -19.28 11.09
C LYS B 209 13.86 -18.71 12.51
N ALA B 210 14.95 -18.04 12.92
CA ALA B 210 14.94 -17.37 14.22
C ALA B 210 13.84 -16.32 14.31
N ASP B 211 13.63 -15.54 13.24
CA ASP B 211 12.53 -14.57 13.23
C ASP B 211 11.18 -15.26 13.36
N ILE B 212 11.05 -16.47 12.83
CA ILE B 212 9.75 -17.14 12.88
C ILE B 212 9.42 -17.55 14.31
N TRP B 213 10.43 -18.03 15.06
CA TRP B 213 10.25 -18.28 16.48
C TRP B 213 9.83 -16.99 17.21
N SER B 214 10.56 -15.89 16.96
CA SER B 214 10.23 -14.63 17.64
C SER B 214 8.81 -14.18 17.31
N LEU B 215 8.39 -14.39 16.06
CA LEU B 215 7.01 -14.11 15.70
C LEU B 215 6.03 -14.94 16.53
N GLY B 216 6.36 -16.20 16.78
CA GLY B 216 5.50 -17.01 17.61
C GLY B 216 5.41 -16.49 19.03
N ILE B 217 6.54 -16.08 19.60
CA ILE B 217 6.49 -15.43 20.90
C ILE B 217 5.68 -14.15 20.82
N THR B 218 5.83 -13.41 19.72
CA THR B 218 5.11 -12.15 19.59
C THR B 218 3.61 -12.40 19.47
N ALA B 219 3.23 -13.49 18.81
CA ALA B 219 1.83 -13.88 18.78
C ALA B 219 1.29 -14.11 20.18
N ILE B 220 2.03 -14.84 21.01
CA ILE B 220 1.63 -15.02 22.41
C ILE B 220 1.56 -13.68 23.12
N GLU B 221 2.56 -12.81 22.87
CA GLU B 221 2.57 -11.49 23.49
C GLU B 221 1.32 -10.69 23.11
N LEU B 222 0.96 -10.71 21.83
CA LEU B 222 -0.25 -10.00 21.40
C LEU B 222 -1.51 -10.60 22.02
N ALA B 223 -1.49 -11.91 22.32
CA ALA B 223 -2.67 -12.53 22.91
C ALA B 223 -2.72 -12.40 24.42
N ARG B 224 -1.58 -12.34 25.09
CA ARG B 224 -1.51 -12.34 26.55
C ARG B 224 -0.98 -11.05 27.14
N GLY B 225 -0.36 -10.18 26.34
CA GLY B 225 0.23 -8.96 26.85
C GLY B 225 1.69 -9.09 27.22
N GLU B 226 2.23 -10.31 27.27
CA GLU B 226 3.61 -10.52 27.69
C GLU B 226 4.10 -11.84 27.11
N PRO B 227 5.41 -11.96 26.86
CA PRO B 227 5.94 -13.22 26.34
C PRO B 227 5.95 -14.29 27.42
N PRO B 228 6.08 -15.57 27.04
CA PRO B 228 6.24 -16.62 28.05
C PRO B 228 7.43 -16.34 28.96
N HIS B 229 7.31 -16.78 30.22
CA HIS B 229 8.34 -16.70 31.24
C HIS B 229 8.59 -15.29 31.74
N SER B 230 7.70 -14.32 31.41
CA SER B 230 7.95 -12.93 31.77
C SER B 230 8.00 -12.72 33.28
N GLU B 231 7.54 -13.69 34.07
CA GLU B 231 7.65 -13.61 35.51
C GLU B 231 8.98 -14.10 36.06
N LEU B 232 9.91 -14.52 35.19
CA LEU B 232 11.18 -15.07 35.62
C LEU B 232 12.31 -14.11 35.27
N HIS B 233 13.38 -14.18 36.06
CA HIS B 233 14.55 -13.36 35.78
C HIS B 233 15.12 -13.71 34.41
N PRO B 234 15.54 -12.72 33.61
CA PRO B 234 16.11 -13.03 32.29
C PRO B 234 17.21 -14.08 32.30
N MET B 235 18.06 -14.11 33.34
CA MET B 235 19.15 -15.09 33.33
C MET B 235 18.62 -16.52 33.49
N LYS B 236 17.53 -16.70 34.23
CA LYS B 236 16.88 -18.00 34.33
C LYS B 236 16.24 -18.41 33.01
N VAL B 237 15.56 -17.47 32.34
CA VAL B 237 14.97 -17.75 31.03
C VAL B 237 16.05 -18.11 30.03
N LEU B 238 17.25 -17.55 30.20
CA LEU B 238 18.40 -17.88 29.36
C LEU B 238 18.59 -19.37 29.21
N PHE B 239 18.62 -20.12 30.31
CA PHE B 239 18.78 -21.56 30.18
C PHE B 239 17.47 -22.29 29.98
N LEU B 240 16.35 -21.69 30.38
CA LEU B 240 15.06 -22.38 30.26
C LEU B 240 14.67 -22.60 28.80
N ILE B 241 14.92 -21.62 27.93
CA ILE B 241 14.41 -21.70 26.55
C ILE B 241 15.03 -22.87 25.78
N PRO B 242 16.35 -23.07 25.78
CA PRO B 242 16.91 -24.28 25.13
C PRO B 242 16.54 -25.58 25.83
N LYS B 243 16.36 -25.56 27.15
CA LYS B 243 16.14 -26.77 27.93
C LYS B 243 14.70 -27.26 27.88
N ASN B 244 13.74 -26.34 27.88
CA ASN B 244 12.33 -26.71 28.05
C ASN B 244 11.66 -27.00 26.71
N ASN B 245 10.53 -27.72 26.79
CA ASN B 245 9.57 -27.79 25.70
C ASN B 245 9.21 -26.37 25.26
N PRO B 246 8.95 -26.15 23.97
CA PRO B 246 8.60 -24.80 23.53
C PRO B 246 7.29 -24.36 24.16
N PRO B 247 7.09 -23.04 24.29
CA PRO B 247 5.83 -22.56 24.85
C PRO B 247 4.66 -22.90 23.94
N THR B 248 3.48 -22.95 24.53
CA THR B 248 2.24 -23.06 23.80
C THR B 248 1.32 -21.96 24.30
N LEU B 249 0.33 -21.61 23.48
CA LEU B 249 -0.63 -20.59 23.87
C LEU B 249 -1.75 -21.24 24.66
N GLU B 250 -1.88 -20.85 25.93
CA GLU B 250 -2.88 -21.38 26.84
C GLU B 250 -4.00 -20.37 27.03
N GLY B 251 -5.23 -20.87 27.07
CA GLY B 251 -6.38 -20.02 27.32
C GLY B 251 -7.49 -20.29 26.32
N ASN B 252 -8.51 -19.44 26.37
CA ASN B 252 -9.66 -19.57 25.45
C ASN B 252 -9.29 -18.86 24.16
N TYR B 253 -8.63 -19.60 23.28
CA TYR B 253 -8.29 -19.11 21.95
C TYR B 253 -8.75 -20.15 20.94
N SER B 254 -9.11 -19.69 19.74
CA SER B 254 -9.50 -20.62 18.68
C SER B 254 -8.33 -21.55 18.36
N LYS B 255 -8.65 -22.81 18.04
CA LYS B 255 -7.60 -23.79 17.75
C LYS B 255 -6.64 -23.33 16.67
N PRO B 256 -7.06 -22.70 15.57
CA PRO B 256 -6.06 -22.19 14.60
C PRO B 256 -5.05 -21.21 15.17
N LEU B 257 -5.46 -20.32 16.08
CA LEU B 257 -4.46 -19.43 16.69
C LEU B 257 -3.46 -20.25 17.49
N LYS B 258 -3.93 -21.26 18.22
CA LYS B 258 -2.99 -22.13 18.94
C LYS B 258 -2.07 -22.87 17.98
N GLU B 259 -2.61 -23.34 16.86
CA GLU B 259 -1.79 -24.06 15.88
C GLU B 259 -0.78 -23.14 15.20
N PHE B 260 -1.16 -21.87 14.93
CA PHE B 260 -0.20 -20.89 14.43
C PHE B 260 1.00 -20.75 15.36
N VAL B 261 0.71 -20.58 16.66
CA VAL B 261 1.79 -20.42 17.62
C VAL B 261 2.66 -21.67 17.67
N GLU B 262 2.00 -22.83 17.70
CA GLU B 262 2.72 -24.11 17.72
C GLU B 262 3.62 -24.26 16.50
N ALA B 263 3.14 -23.85 15.33
CA ALA B 263 3.93 -23.96 14.10
C ALA B 263 5.21 -23.13 14.20
N CYS B 264 5.08 -21.91 14.75
CA CYS B 264 6.24 -21.01 14.90
C CYS B 264 7.21 -21.52 15.96
N LEU B 265 6.69 -22.04 17.06
CA LEU B 265 7.51 -22.38 18.24
C LEU B 265 7.85 -23.87 18.23
N ASN B 266 8.69 -24.22 17.27
CA ASN B 266 9.25 -25.56 17.16
C ASN B 266 10.72 -25.44 17.56
N LYS B 267 11.19 -26.34 18.44
CA LYS B 267 12.59 -26.27 18.86
C LYS B 267 13.54 -26.45 17.68
N GLU B 268 13.12 -27.22 16.66
CA GLU B 268 13.94 -27.43 15.48
C GLU B 268 13.66 -26.31 14.47
N PRO B 269 14.64 -25.46 14.16
CA PRO B 269 14.36 -24.31 13.28
C PRO B 269 13.91 -24.69 11.88
N SER B 270 14.48 -25.75 11.29
CA SER B 270 14.09 -26.09 9.94
C SER B 270 12.67 -26.67 9.85
N PHE B 271 12.01 -26.93 10.97
CA PHE B 271 10.61 -27.34 10.95
C PHE B 271 9.66 -26.15 11.06
N ARG B 272 10.20 -24.95 11.25
CA ARG B 272 9.31 -23.78 11.26
C ARG B 272 9.00 -23.33 9.84
N PRO B 273 7.75 -22.98 9.54
CA PRO B 273 7.40 -22.60 8.17
C PRO B 273 7.96 -21.23 7.79
N THR B 274 7.98 -20.95 6.49
CA THR B 274 8.37 -19.60 6.07
C THR B 274 7.25 -18.60 6.40
N ALA B 275 7.61 -17.31 6.38
CA ALA B 275 6.60 -16.26 6.48
C ALA B 275 5.60 -16.36 5.34
N LYS B 276 6.06 -16.73 4.15
CA LYS B 276 5.15 -16.83 3.01
C LYS B 276 4.09 -17.90 3.25
N GLU B 277 4.49 -19.04 3.83
CA GLU B 277 3.51 -20.09 4.12
C GLU B 277 2.59 -19.68 5.25
N LEU B 278 3.11 -18.97 6.25
CA LEU B 278 2.30 -18.54 7.38
C LEU B 278 1.23 -17.53 6.96
N LEU B 279 1.47 -16.80 5.88
CA LEU B 279 0.42 -15.93 5.34
C LEU B 279 -0.79 -16.71 4.85
N LYS B 280 -0.65 -18.01 4.60
CA LYS B 280 -1.78 -18.83 4.20
C LYS B 280 -2.32 -19.71 5.33
N HIS B 281 -1.86 -19.49 6.57
CA HIS B 281 -2.34 -20.27 7.70
C HIS B 281 -3.82 -19.96 7.97
N LYS B 282 -4.57 -21.00 8.37
CA LYS B 282 -6.01 -20.85 8.57
C LYS B 282 -6.33 -19.72 9.53
N PHE B 283 -5.52 -19.54 10.58
CA PHE B 283 -5.78 -18.44 11.51
C PHE B 283 -5.71 -17.08 10.80
N ILE B 284 -4.71 -16.89 9.94
CA ILE B 284 -4.58 -15.63 9.23
C ILE B 284 -5.73 -15.43 8.26
N LEU B 285 -5.98 -16.43 7.40
CA LEU B 285 -6.99 -16.28 6.36
C LEU B 285 -8.38 -16.08 6.96
N ARG B 286 -8.66 -16.74 8.07
CA ARG B 286 -9.99 -16.68 8.67
C ARG B 286 -10.23 -15.43 9.50
N ASN B 287 -9.19 -14.75 9.99
CA ASN B 287 -9.41 -13.69 10.95
C ASN B 287 -8.89 -12.32 10.55
N ALA B 288 -7.85 -12.25 9.72
CA ALA B 288 -7.24 -10.97 9.37
C ALA B 288 -8.18 -10.13 8.51
N LYS B 289 -8.21 -8.82 8.75
CA LYS B 289 -9.08 -7.89 8.04
C LYS B 289 -8.23 -6.76 7.48
N LYS B 290 -8.89 -5.84 6.77
CA LYS B 290 -8.20 -4.65 6.27
C LYS B 290 -7.48 -3.93 7.42
N THR B 291 -6.27 -3.42 7.15
CA THR B 291 -5.50 -2.78 8.21
C THR B 291 -6.20 -1.53 8.73
N SER B 292 -6.98 -0.86 7.88
CA SER B 292 -7.66 0.35 8.31
C SER B 292 -8.62 0.11 9.47
N TYR B 293 -8.96 -1.14 9.79
CA TYR B 293 -9.81 -1.41 10.95
C TYR B 293 -9.07 -1.27 12.26
N LEU B 294 -7.74 -1.25 12.23
CA LEU B 294 -6.97 -1.01 13.45
C LEU B 294 -7.04 0.43 13.92
N THR B 295 -7.56 1.34 13.09
CA THR B 295 -7.65 2.73 13.49
C THR B 295 -8.50 2.89 14.73
N GLU B 296 -9.58 2.10 14.83
CA GLU B 296 -10.40 2.08 16.04
C GLU B 296 -9.55 1.79 17.27
N LEU B 297 -8.74 0.74 17.21
CA LEU B 297 -7.88 0.39 18.34
C LEU B 297 -6.81 1.45 18.56
N ILE B 298 -6.23 2.00 17.49
CA ILE B 298 -5.20 3.02 17.64
C ILE B 298 -5.78 4.27 18.31
N ASP B 299 -6.92 4.75 17.78
CA ASP B 299 -7.60 5.89 18.38
C ASP B 299 -7.83 5.70 19.87
N ALA B 300 -8.30 4.52 20.27
CA ALA B 300 -8.59 4.25 21.67
C ALA B 300 -7.36 4.32 22.57
N HIS B 301 -6.16 4.34 22.01
CA HIS B 301 -4.96 4.53 22.80
C HIS B 301 -4.36 5.93 22.69
N HIS B 302 -4.75 6.71 21.69
CA HIS B 302 -4.31 8.08 21.57
C HIS B 302 -5.28 9.00 22.30
#